data_2CHA
#
_entry.id   2CHA
#
_cell.length_a   49.100
_cell.length_b   67.400
_cell.length_c   65.900
_cell.angle_alpha   90.00
_cell.angle_beta   101.70
_cell.angle_gamma   90.00
#
_symmetry.space_group_name_H-M   'P 1 21 1'
#
loop_
_entity.id
_entity.type
_entity.pdbx_description
1 polymer 'ALPHA-CHYMOTRYPSIN A'
2 polymer 'ALPHA-CHYMOTRYPSIN A'
3 polymer 'ALPHA-CHYMOTRYPSIN A'
4 non-polymer 'PARA-TOLUENE SULFONATE'
5 water water
#
loop_
_entity_poly.entity_id
_entity_poly.type
_entity_poly.pdbx_seq_one_letter_code
_entity_poly.pdbx_strand_id
1 'polypeptide(L)' CGVPAIQPVLSGL A,E
2 'polypeptide(L)'
;IVNGEEAVPGSWPWQVSLQDKTGFHFCGGSLINENWVVTAAHCGVTTSDVVVAGEFDQGSSSEKIQKLKIAKVFKNSKYN
SLTINNDITLLKLSTAASFSQTVSAVCLPSASDDFAAGTTCVTTGWGLTRY
;
B,F
3 'polypeptide(L)'
;ANTPDRLQQASLPLLSNTNCKKYWGTKIKDAMICAGASGVSSCMGDSGGPLVCKKNGAWTLVGIVSWGSSTCSTSTPGVY
ARVTALVNWVQQTLAAN
;
C,G
#
# COMPACT_ATOMS: atom_id res chain seq x y z
N CYS A 1 26.58 -15.37 11.37
CA CYS A 1 25.59 -14.31 11.17
C CYS A 1 25.30 -14.16 9.68
N GLY A 2 24.10 -14.56 9.28
CA GLY A 2 23.71 -14.49 7.86
C GLY A 2 24.12 -15.75 7.11
N VAL A 3 23.81 -16.87 7.78
CA VAL A 3 23.95 -18.25 7.30
C VAL A 3 22.56 -18.88 7.57
N PRO A 4 21.51 -18.90 6.69
CA PRO A 4 20.32 -19.74 6.96
C PRO A 4 20.60 -21.25 7.06
N ALA A 5 20.00 -21.91 8.04
CA ALA A 5 20.09 -23.37 8.16
C ALA A 5 19.50 -23.90 6.87
N ILE A 6 18.30 -23.37 6.58
CA ILE A 6 17.63 -23.58 5.29
C ILE A 6 18.41 -22.59 4.41
N GLN A 7 19.12 -23.23 3.51
CA GLN A 7 19.81 -22.49 2.46
C GLN A 7 18.79 -21.94 1.42
N PRO A 8 18.74 -20.65 0.97
CA PRO A 8 17.66 -20.23 0.05
C PRO A 8 17.71 -20.93 -1.31
N VAL A 9 16.89 -21.83 -1.52
N ILE B 1 6.10 -7.91 -3.62
CA ILE B 1 7.00 -7.82 -4.78
C ILE B 1 6.09 -8.11 -5.98
N VAL B 2 6.54 -7.47 -7.05
CA VAL B 2 6.02 -7.80 -8.39
C VAL B 2 7.17 -8.62 -8.98
N ASN B 3 6.79 -9.69 -9.68
CA ASN B 3 7.67 -10.62 -10.44
C ASN B 3 8.69 -11.45 -9.65
N GLY B 4 8.33 -11.77 -8.40
CA GLY B 4 9.17 -12.63 -7.56
C GLY B 4 8.70 -14.07 -7.73
N GLU B 5 9.13 -14.85 -6.74
CA GLU B 5 8.89 -16.31 -6.65
C GLU B 5 8.70 -16.61 -5.17
N GLU B 6 8.01 -17.71 -4.88
CA GLU B 6 7.99 -18.28 -3.52
C GLU B 6 9.44 -18.62 -3.12
N ALA B 7 9.89 -17.87 -2.13
CA ALA B 7 11.18 -18.28 -1.56
C ALA B 7 11.01 -19.69 -0.99
N VAL B 8 12.14 -20.23 -0.61
CA VAL B 8 12.13 -21.48 0.19
C VAL B 8 11.56 -21.13 1.60
N PRO B 9 10.58 -21.80 2.24
CA PRO B 9 10.13 -21.35 3.58
C PRO B 9 11.25 -21.37 4.63
N GLY B 10 11.35 -20.28 5.38
CA GLY B 10 12.37 -20.11 6.41
C GLY B 10 13.70 -19.92 5.68
N SER B 11 13.62 -19.76 4.36
CA SER B 11 14.82 -19.56 3.52
C SER B 11 15.53 -18.29 3.94
N TRP B 12 14.71 -17.40 4.48
CA TRP B 12 15.19 -16.09 4.96
C TRP B 12 15.15 -16.01 6.48
N PRO B 13 16.11 -16.47 7.34
CA PRO B 13 15.90 -16.61 8.80
C PRO B 13 15.44 -15.33 9.52
N TRP B 14 15.95 -14.23 9.00
CA TRP B 14 15.79 -12.84 9.47
C TRP B 14 14.46 -12.11 9.22
N GLN B 15 13.66 -12.52 8.24
CA GLN B 15 12.44 -11.78 7.87
C GLN B 15 11.33 -11.86 8.93
N VAL B 16 10.92 -10.63 9.20
CA VAL B 16 9.75 -10.39 10.06
C VAL B 16 8.61 -9.83 9.20
N SER B 17 7.46 -9.91 9.85
CA SER B 17 6.21 -9.24 9.42
C SER B 17 5.77 -8.32 10.56
N LEU B 18 5.19 -7.18 10.18
CA LEU B 18 4.66 -6.22 11.17
C LEU B 18 3.16 -6.05 11.09
N GLN B 19 2.57 -6.57 12.13
CA GLN B 19 1.11 -6.45 12.28
C GLN B 19 0.75 -5.29 13.19
N ASP B 20 -0.41 -4.71 12.90
CA ASP B 20 -0.97 -3.84 13.94
C ASP B 20 -1.69 -4.76 14.94
N LYS B 21 -2.83 -4.36 15.46
CA LYS B 21 -3.65 -5.20 16.35
C LYS B 21 -5.05 -5.50 15.86
N THR B 22 -5.32 -4.98 14.67
CA THR B 22 -6.42 -5.54 13.86
C THR B 22 -5.93 -6.87 13.25
N GLY B 23 -4.69 -7.19 13.66
CA GLY B 23 -3.85 -8.37 13.43
C GLY B 23 -3.45 -8.41 11.98
N PHE B 24 -3.05 -7.25 11.48
CA PHE B 24 -2.68 -7.14 10.07
C PHE B 24 -1.28 -6.59 9.78
N HIS B 25 -0.65 -7.27 8.83
CA HIS B 25 0.67 -6.94 8.28
C HIS B 25 0.64 -5.64 7.48
N PHE B 26 1.41 -4.68 7.95
CA PHE B 26 1.56 -3.35 7.35
C PHE B 26 2.96 -3.02 6.81
N CYS B 27 4.02 -3.55 7.44
CA CYS B 27 5.44 -3.33 7.03
C CYS B 27 6.35 -4.53 7.30
N GLY B 28 7.44 -4.52 6.53
CA GLY B 28 8.57 -5.46 6.62
C GLY B 28 9.60 -4.98 7.65
N GLY B 29 10.51 -5.89 7.99
CA GLY B 29 11.62 -5.65 8.95
C GLY B 29 12.62 -6.83 8.92
N SER B 30 13.79 -6.57 9.49
CA SER B 30 14.93 -7.52 9.52
C SER B 30 15.49 -7.64 10.93
N LEU B 31 15.72 -8.90 11.29
CA LEU B 31 16.34 -9.26 12.57
C LEU B 31 17.86 -9.15 12.56
N ILE B 32 18.33 -8.32 13.48
CA ILE B 32 19.77 -8.05 13.69
C ILE B 32 20.36 -8.86 14.85
N ASN B 33 19.51 -8.93 15.86
CA ASN B 33 19.79 -9.61 17.13
C ASN B 33 18.67 -10.55 17.56
N GLU B 34 18.94 -11.27 18.65
CA GLU B 34 17.94 -12.07 19.37
C GLU B 34 16.96 -11.09 20.05
N ASN B 35 17.53 -9.99 20.53
CA ASN B 35 16.83 -8.87 21.15
C ASN B 35 16.25 -7.83 20.19
N TRP B 36 17.03 -7.42 19.19
CA TRP B 36 16.75 -6.27 18.30
C TRP B 36 16.27 -6.54 16.88
N VAL B 37 15.75 -5.46 16.26
CA VAL B 37 15.18 -5.41 14.88
C VAL B 37 15.48 -4.04 14.22
N VAL B 38 15.29 -4.09 12.89
CA VAL B 38 15.39 -2.95 11.95
C VAL B 38 14.21 -3.04 10.96
N THR B 39 13.69 -1.84 10.69
CA THR B 39 12.60 -1.53 9.74
C THR B 39 12.80 -0.11 9.15
N ALA B 40 11.77 0.35 8.44
CA ALA B 40 11.68 1.71 7.91
C ALA B 40 10.83 2.58 8.83
N ALA B 41 11.21 3.85 8.84
CA ALA B 41 10.63 4.90 9.68
C ALA B 41 9.28 5.43 9.19
N HIS B 42 9.13 5.50 7.87
CA HIS B 42 7.85 5.95 7.28
C HIS B 42 6.68 4.98 7.56
N CYS B 43 7.04 3.85 8.16
CA CYS B 43 6.14 2.76 8.57
C CYS B 43 5.25 3.11 9.77
N GLY B 44 5.60 4.16 10.50
CA GLY B 44 4.81 4.59 11.66
C GLY B 44 4.58 3.49 12.70
N VAL B 45 5.64 2.75 13.05
CA VAL B 45 5.62 1.70 14.07
C VAL B 45 5.51 2.37 15.45
N THR B 46 4.67 1.72 16.24
CA THR B 46 4.44 2.09 17.65
C THR B 46 4.67 0.85 18.54
N THR B 47 4.67 1.07 19.86
CA THR B 47 4.77 -0.01 20.87
C THR B 47 3.60 -1.01 20.74
N SER B 48 2.55 -0.59 20.05
CA SER B 48 1.30 -1.34 19.94
C SER B 48 1.27 -2.37 18.81
N ASP B 49 2.20 -2.22 17.86
CA ASP B 49 2.31 -3.19 16.75
C ASP B 49 3.11 -4.44 17.15
N VAL B 50 3.01 -5.49 16.33
CA VAL B 50 3.72 -6.75 16.58
C VAL B 50 4.70 -7.07 15.46
N VAL B 51 5.68 -7.82 15.95
CA VAL B 51 6.71 -8.42 15.09
C VAL B 51 6.38 -9.91 15.09
N VAL B 52 6.35 -10.45 13.89
CA VAL B 52 6.14 -11.88 13.66
C VAL B 52 7.40 -12.39 12.96
N ALA B 53 7.84 -13.58 13.38
CA ALA B 53 9.07 -14.24 12.85
C ALA B 53 8.88 -15.74 12.63
N GLY B 54 9.70 -16.28 11.72
CA GLY B 54 9.78 -17.70 11.32
C GLY B 54 8.47 -18.18 10.74
N GLU B 55 7.71 -17.20 10.27
CA GLU B 55 6.46 -17.42 9.54
C GLU B 55 6.78 -17.59 8.04
N PHE B 56 5.73 -18.15 7.47
CA PHE B 56 5.63 -18.31 6.01
C PHE B 56 4.41 -17.64 5.38
N ASP B 57 3.28 -18.28 5.64
CA ASP B 57 1.99 -17.85 5.08
C ASP B 57 1.15 -17.13 6.14
N GLN B 58 0.27 -16.28 5.63
CA GLN B 58 -0.65 -15.46 6.45
C GLN B 58 -2.04 -16.08 6.55
N GLY B 59 -2.25 -17.14 5.78
CA GLY B 59 -3.50 -17.88 5.71
C GLY B 59 -3.55 -18.83 6.88
N SER B 60 -2.35 -19.21 7.33
CA SER B 60 -2.13 -20.17 8.43
C SER B 60 -3.34 -20.14 9.36
N SER B 61 -3.80 -21.32 9.67
CA SER B 61 -4.91 -21.44 10.63
C SER B 61 -4.12 -21.26 11.91
N SER B 62 -2.85 -21.59 11.75
CA SER B 62 -1.71 -21.55 12.69
C SER B 62 -0.50 -22.24 12.04
N GLU B 63 0.58 -21.48 12.04
CA GLU B 63 1.91 -22.02 11.72
C GLU B 63 2.76 -22.00 13.00
N LYS B 64 3.98 -22.52 12.93
CA LYS B 64 4.88 -22.49 14.10
C LYS B 64 5.60 -21.14 14.08
N ILE B 65 4.87 -20.12 14.54
CA ILE B 65 5.37 -18.73 14.48
C ILE B 65 5.99 -18.26 15.81
N GLN B 66 6.29 -16.96 15.78
CA GLN B 66 6.70 -16.18 16.95
C GLN B 66 6.08 -14.79 16.86
N LYS B 67 4.98 -14.66 17.60
CA LYS B 67 4.29 -13.37 17.77
C LYS B 67 4.97 -12.66 18.94
N LEU B 68 5.80 -11.71 18.56
CA LEU B 68 6.66 -10.98 19.49
C LEU B 68 6.21 -9.55 19.75
N LYS B 69 6.07 -9.22 21.04
CA LYS B 69 5.66 -7.89 21.54
C LYS B 69 6.81 -6.88 21.56
N ILE B 70 6.52 -5.66 21.10
CA ILE B 70 7.46 -4.52 21.10
C ILE B 70 7.48 -3.91 22.50
N ALA B 71 8.71 -3.47 22.72
CA ALA B 71 9.15 -2.71 23.90
C ALA B 71 9.23 -1.22 23.59
N LYS B 72 10.31 -0.82 22.90
CA LYS B 72 10.61 0.58 22.59
C LYS B 72 10.94 0.70 21.10
N VAL B 73 10.20 1.64 20.53
CA VAL B 73 10.47 2.18 19.18
C VAL B 73 11.67 3.12 19.34
N PHE B 74 12.64 2.81 18.51
CA PHE B 74 13.81 3.67 18.39
C PHE B 74 13.78 4.27 16.98
N LYS B 75 12.95 5.29 16.85
CA LYS B 75 12.83 6.05 15.58
C LYS B 75 14.14 6.79 15.27
N ASN B 76 14.29 7.18 14.02
CA ASN B 76 15.49 7.93 13.60
C ASN B 76 15.28 9.44 13.77
N SER B 77 16.34 10.09 14.23
CA SER B 77 16.36 11.53 14.52
C SER B 77 16.11 12.33 13.25
N LYS B 78 16.60 11.78 12.15
CA LYS B 78 16.64 12.45 10.84
C LYS B 78 15.62 12.10 9.77
N TYR B 79 14.59 11.33 10.14
CA TYR B 79 13.53 10.99 9.16
C TYR B 79 12.81 12.24 8.62
N ASN B 80 12.97 12.47 7.32
CA ASN B 80 12.34 13.64 6.67
C ASN B 80 11.08 13.25 5.89
N SER B 81 9.91 13.61 6.41
CA SER B 81 8.57 13.27 5.88
C SER B 81 8.14 13.74 4.49
N LEU B 82 8.96 14.59 3.89
CA LEU B 82 8.74 15.06 2.51
C LEU B 82 9.83 14.56 1.57
N THR B 83 11.02 14.47 2.16
CA THR B 83 12.23 13.94 1.53
C THR B 83 12.20 12.41 1.47
N ILE B 84 11.93 11.79 2.62
CA ILE B 84 11.96 10.36 2.97
C ILE B 84 13.42 9.92 3.16
N ASN B 85 14.35 10.88 3.18
CA ASN B 85 15.75 10.62 3.51
C ASN B 85 15.83 10.14 4.96
N ASN B 86 16.81 9.30 5.26
CA ASN B 86 17.00 8.65 6.58
C ASN B 86 15.77 7.84 7.01
N ASP B 87 15.27 7.05 6.07
CA ASP B 87 14.08 6.20 6.31
C ASP B 87 14.44 4.93 7.09
N ILE B 88 14.66 5.05 8.40
CA ILE B 88 15.11 3.93 9.26
C ILE B 88 14.43 3.95 10.63
N THR B 89 14.35 2.77 11.25
CA THR B 89 13.84 2.53 12.62
C THR B 89 14.39 1.23 13.23
N LEU B 90 14.37 1.29 14.56
CA LEU B 90 14.77 0.23 15.49
C LEU B 90 13.76 -0.13 16.56
N LEU B 91 13.83 -1.43 16.82
CA LEU B 91 12.93 -2.12 17.75
C LEU B 91 13.65 -3.03 18.72
N LYS B 92 13.45 -2.62 19.97
CA LYS B 92 13.82 -3.43 21.14
C LYS B 92 12.58 -4.24 21.53
N LEU B 93 12.81 -5.52 21.80
CA LEU B 93 11.67 -6.42 22.06
C LEU B 93 11.57 -6.77 23.54
N SER B 94 10.30 -6.82 23.98
CA SER B 94 9.92 -7.18 25.35
C SER B 94 10.71 -8.45 25.63
N THR B 95 10.57 -9.36 24.69
CA THR B 95 11.27 -10.65 24.68
C THR B 95 12.08 -10.69 23.39
N ALA B 96 13.15 -11.46 23.55
CA ALA B 96 13.97 -11.89 22.42
C ALA B 96 13.19 -12.92 21.59
N ALA B 97 13.66 -13.04 20.36
CA ALA B 97 13.26 -14.18 19.53
C ALA B 97 14.25 -15.31 19.78
N SER B 98 13.77 -16.53 19.76
CA SER B 98 14.69 -17.67 19.88
C SER B 98 15.11 -18.13 18.49
N PHE B 99 16.42 -18.21 18.30
CA PHE B 99 16.98 -18.67 17.02
C PHE B 99 16.90 -20.18 16.77
N SER B 100 16.18 -20.45 15.70
CA SER B 100 15.96 -21.82 15.24
C SER B 100 16.62 -22.07 13.89
N GLN B 101 16.21 -23.18 13.27
CA GLN B 101 16.51 -23.47 11.86
C GLN B 101 15.92 -22.38 10.96
N THR B 102 14.78 -21.82 11.39
CA THR B 102 14.01 -20.83 10.61
C THR B 102 14.21 -19.34 10.92
N VAL B 103 14.20 -18.99 12.20
CA VAL B 103 14.39 -17.61 12.72
C VAL B 103 15.90 -17.47 12.94
N SER B 104 16.45 -16.33 12.53
CA SER B 104 17.84 -15.88 12.79
C SER B 104 18.12 -14.47 12.23
N ALA B 105 19.37 -14.00 12.35
CA ALA B 105 19.72 -12.61 12.01
C ALA B 105 20.54 -12.38 10.74
N VAL B 106 20.26 -11.21 10.17
CA VAL B 106 20.97 -10.61 9.03
C VAL B 106 22.27 -9.96 9.56
N CYS B 107 23.31 -10.10 8.77
CA CYS B 107 24.58 -9.42 9.07
C CYS B 107 24.51 -7.94 8.64
N LEU B 108 25.39 -7.18 9.28
CA LEU B 108 25.49 -5.75 9.05
C LEU B 108 26.61 -5.20 8.15
N PRO B 109 26.45 -4.21 7.23
CA PRO B 109 27.65 -3.57 6.66
C PRO B 109 28.40 -2.65 7.65
N SER B 110 29.24 -1.86 7.02
CA SER B 110 29.87 -0.71 7.71
C SER B 110 29.76 0.52 6.78
N ALA B 111 29.81 1.73 7.30
CA ALA B 111 29.73 2.88 6.37
C ALA B 111 30.96 2.89 5.45
N SER B 112 31.97 2.09 5.79
CA SER B 112 33.26 2.11 5.10
C SER B 112 33.25 1.47 3.69
N ASP B 113 32.51 0.38 3.61
CA ASP B 113 32.43 -0.57 2.49
C ASP B 113 31.50 -0.19 1.32
N ASP B 114 31.92 -0.72 0.18
CA ASP B 114 31.20 -0.50 -1.09
C ASP B 114 30.53 -1.78 -1.57
N PHE B 115 29.28 -1.55 -1.90
CA PHE B 115 28.40 -2.51 -2.59
C PHE B 115 28.09 -1.80 -3.91
N ALA B 116 28.97 -2.12 -4.85
CA ALA B 116 29.02 -1.49 -6.20
C ALA B 116 27.82 -1.76 -7.09
N ALA B 117 27.60 -0.83 -8.02
CA ALA B 117 26.51 -0.93 -9.01
C ALA B 117 26.73 -2.19 -9.86
N GLY B 118 25.61 -2.71 -10.34
CA GLY B 118 25.57 -3.89 -11.21
C GLY B 118 25.54 -5.16 -10.37
N THR B 119 25.81 -5.01 -9.08
CA THR B 119 25.77 -6.14 -8.13
C THR B 119 24.33 -6.71 -8.05
N THR B 120 24.30 -8.03 -7.95
CA THR B 120 23.07 -8.79 -7.79
C THR B 120 22.80 -8.93 -6.28
N CYS B 121 21.71 -8.32 -5.90
CA CYS B 121 21.17 -8.45 -4.54
C CYS B 121 19.72 -8.96 -4.61
N VAL B 122 19.18 -9.19 -3.42
CA VAL B 122 17.81 -9.72 -3.26
C VAL B 122 17.02 -8.77 -2.37
N THR B 123 15.72 -8.98 -2.51
CA THR B 123 14.67 -8.31 -1.73
C THR B 123 13.55 -9.35 -1.54
N THR B 124 13.01 -9.36 -0.33
CA THR B 124 11.90 -10.25 0.09
C THR B 124 10.73 -9.47 0.68
N GLY B 125 9.62 -10.20 0.85
CA GLY B 125 8.39 -9.63 1.44
C GLY B 125 7.09 -10.18 0.85
N TRP B 126 6.02 -9.76 1.50
CA TRP B 126 4.61 -10.12 1.29
C TRP B 126 3.81 -9.00 0.60
N GLY B 127 4.55 -8.13 -0.07
CA GLY B 127 4.00 -7.02 -0.85
C GLY B 127 3.23 -7.55 -2.06
N LEU B 128 2.63 -6.60 -2.76
CA LEU B 128 1.83 -6.94 -3.95
C LEU B 128 2.66 -7.36 -5.16
N THR B 129 2.25 -8.54 -5.61
CA THR B 129 2.80 -9.15 -6.85
C THR B 129 2.34 -8.42 -8.11
N ARG B 130 1.20 -7.76 -7.95
CA ARG B 130 0.59 -6.88 -8.94
C ARG B 130 0.20 -5.62 -8.17
N TYR B 131 0.31 -4.49 -8.87
CA TYR B 131 -0.11 -3.18 -8.36
C TYR B 131 -1.62 -3.19 -8.03
N ALA C 1 -7.49 -10.94 -5.20
CA ALA C 1 -6.56 -9.92 -4.67
C ALA C 1 -5.13 -10.13 -5.15
N ASN C 2 -4.36 -9.05 -5.14
CA ASN C 2 -2.92 -9.06 -5.43
C ASN C 2 -2.02 -9.27 -4.20
N THR C 3 -2.64 -9.88 -3.20
CA THR C 3 -2.00 -10.11 -1.91
C THR C 3 -1.30 -11.48 -1.81
N PRO C 4 0.05 -11.68 -1.78
CA PRO C 4 0.55 -13.02 -1.42
C PRO C 4 0.48 -13.38 0.08
N ASP C 5 -0.17 -14.49 0.39
CA ASP C 5 -0.20 -15.05 1.76
C ASP C 5 1.17 -15.63 2.12
N ARG C 6 1.77 -16.25 1.11
CA ARG C 6 3.14 -16.79 1.16
C ARG C 6 4.14 -15.71 0.78
N LEU C 7 5.31 -15.85 1.39
CA LEU C 7 6.46 -14.95 1.21
C LEU C 7 7.02 -15.00 -0.21
N GLN C 8 7.12 -13.78 -0.73
CA GLN C 8 7.76 -13.57 -2.04
C GLN C 8 9.22 -13.14 -1.93
N GLN C 9 9.98 -13.75 -2.81
CA GLN C 9 11.39 -13.46 -3.06
C GLN C 9 11.48 -12.69 -4.38
N ALA C 10 12.63 -12.03 -4.53
CA ALA C 10 13.05 -11.32 -5.76
C ALA C 10 14.57 -11.13 -5.78
N SER C 11 15.11 -10.98 -6.98
CA SER C 11 16.55 -10.75 -7.18
C SER C 11 16.75 -9.60 -8.17
N LEU C 12 17.74 -8.74 -7.89
CA LEU C 12 17.89 -7.50 -8.69
C LEU C 12 19.28 -6.79 -8.84
N PRO C 13 19.59 -5.96 -9.89
CA PRO C 13 20.75 -5.04 -9.90
C PRO C 13 20.75 -3.87 -8.91
N LEU C 14 22.00 -3.50 -8.65
CA LEU C 14 22.30 -2.24 -7.94
C LEU C 14 22.65 -1.12 -8.91
N LEU C 15 22.08 0.04 -8.62
CA LEU C 15 22.34 1.22 -9.48
C LEU C 15 23.20 2.29 -8.82
N SER C 16 23.95 2.95 -9.68
CA SER C 16 24.63 4.18 -9.25
C SER C 16 23.57 5.29 -9.14
N ASN C 17 23.76 6.15 -8.14
CA ASN C 17 22.92 7.33 -7.88
C ASN C 17 22.82 8.29 -9.05
N THR C 18 23.91 8.26 -9.82
CA THR C 18 24.07 8.90 -11.12
C THR C 18 23.07 8.23 -12.07
N ASN C 19 23.07 6.89 -12.07
CA ASN C 19 22.14 6.19 -12.97
C ASN C 19 20.68 6.34 -12.56
N CYS C 20 20.50 6.62 -11.28
CA CYS C 20 19.15 6.63 -10.70
C CYS C 20 18.44 7.98 -10.82
N LYS C 21 19.26 9.00 -11.02
CA LYS C 21 18.71 10.36 -11.20
C LYS C 21 18.09 10.53 -12.59
N LYS C 22 18.50 9.64 -13.50
CA LYS C 22 17.97 9.54 -14.86
C LYS C 22 16.44 9.41 -14.88
N TYR C 23 15.97 8.83 -13.79
CA TYR C 23 14.56 8.61 -13.48
C TYR C 23 14.11 9.63 -12.43
N TRP C 24 14.83 9.70 -11.30
CA TRP C 24 14.42 10.49 -10.12
C TRP C 24 14.93 11.92 -9.93
N GLY C 25 16.15 12.14 -10.38
CA GLY C 25 16.82 13.45 -10.34
C GLY C 25 17.00 13.91 -8.90
N THR C 26 16.61 15.18 -8.74
CA THR C 26 16.58 16.05 -7.54
C THR C 26 16.15 15.32 -6.25
N LYS C 27 15.30 14.31 -6.41
CA LYS C 27 14.81 13.41 -5.35
C LYS C 27 15.82 12.49 -4.67
N ILE C 28 16.92 12.09 -5.33
CA ILE C 28 17.85 11.14 -4.68
C ILE C 28 18.75 11.95 -3.73
N LYS C 29 18.82 11.35 -2.55
CA LYS C 29 19.73 11.85 -1.52
C LYS C 29 20.96 10.99 -1.34
N ASP C 30 22.00 11.63 -0.78
CA ASP C 30 23.25 11.01 -0.32
C ASP C 30 22.99 9.77 0.54
N ALA C 31 21.78 9.78 1.12
CA ALA C 31 21.18 8.74 1.98
C ALA C 31 20.30 7.61 1.40
N MET C 32 20.00 7.59 0.11
CA MET C 32 19.20 6.51 -0.50
C MET C 32 20.08 5.59 -1.36
N ILE C 33 19.49 4.63 -2.04
CA ILE C 33 20.14 3.63 -2.91
C ILE C 33 19.03 3.18 -3.87
N CYS C 34 19.38 3.01 -5.13
CA CYS C 34 18.43 2.51 -6.12
C CYS C 34 18.78 1.09 -6.55
N ALA C 35 17.73 0.35 -6.90
CA ALA C 35 17.84 -1.05 -7.36
C ALA C 35 16.62 -1.44 -8.19
N GLY C 36 16.88 -2.40 -9.09
CA GLY C 36 15.84 -2.99 -9.94
C GLY C 36 15.79 -2.38 -11.33
N ALA C 37 14.59 -1.98 -11.78
CA ALA C 37 14.34 -1.45 -13.15
C ALA C 37 14.79 -2.51 -14.15
N SER C 38 14.81 -3.75 -13.67
CA SER C 38 15.24 -4.92 -14.46
C SER C 38 14.10 -5.91 -14.71
N GLY C 39 12.89 -5.47 -14.38
CA GLY C 39 11.67 -6.26 -14.63
C GLY C 39 11.04 -6.78 -13.35
N VAL C 40 11.29 -6.02 -12.29
CA VAL C 40 10.79 -6.26 -10.92
C VAL C 40 10.70 -4.88 -10.24
N SER C 41 10.06 -4.90 -9.08
CA SER C 41 9.91 -3.77 -8.15
C SER C 41 9.25 -4.27 -6.88
N SER C 42 9.76 -3.73 -5.78
CA SER C 42 8.92 -3.83 -4.58
C SER C 42 7.63 -3.07 -4.93
N CYS C 43 6.63 -3.45 -4.17
CA CYS C 43 5.32 -2.81 -4.23
C CYS C 43 4.89 -2.47 -2.80
N MET C 44 3.61 -2.18 -2.66
CA MET C 44 3.01 -1.96 -1.34
C MET C 44 2.96 -3.27 -0.54
N GLY C 45 3.39 -3.14 0.69
CA GLY C 45 3.41 -4.27 1.62
C GLY C 45 4.86 -4.65 1.83
N ASP C 46 5.68 -4.33 0.82
CA ASP C 46 7.13 -4.56 0.86
C ASP C 46 7.97 -3.60 1.69
N SER C 47 7.55 -2.33 1.80
CA SER C 47 8.33 -1.31 2.53
C SER C 47 8.72 -1.72 3.96
N GLY C 48 9.92 -1.30 4.34
CA GLY C 48 10.49 -1.65 5.65
C GLY C 48 11.24 -2.95 5.42
N GLY C 49 10.97 -3.48 4.24
CA GLY C 49 11.55 -4.75 3.77
C GLY C 49 13.10 -4.81 3.64
N PRO C 50 13.83 -5.97 3.64
CA PRO C 50 15.29 -5.95 3.42
C PRO C 50 15.71 -5.75 1.96
N LEU C 51 17.01 -5.52 1.86
CA LEU C 51 17.78 -5.55 0.61
C LEU C 51 19.15 -6.06 1.04
N VAL C 52 19.50 -7.22 0.51
CA VAL C 52 20.73 -7.92 0.92
C VAL C 52 21.69 -8.16 -0.25
N CYS C 53 22.95 -8.32 0.14
CA CYS C 53 24.03 -8.71 -0.79
C CYS C 53 25.01 -9.59 -0.02
N LYS C 54 25.45 -10.64 -0.69
CA LYS C 54 26.36 -11.65 -0.11
C LYS C 54 27.80 -11.11 -0.10
N LYS C 55 28.47 -11.33 1.04
CA LYS C 55 29.84 -10.86 1.27
C LYS C 55 30.55 -11.87 2.14
N ASN C 56 31.70 -12.36 1.69
CA ASN C 56 32.46 -13.47 2.31
C ASN C 56 31.53 -14.64 2.69
N GLY C 57 30.49 -14.72 1.85
CA GLY C 57 29.36 -15.65 1.92
C GLY C 57 28.24 -15.16 2.83
N ALA C 58 28.58 -14.58 3.98
CA ALA C 58 27.51 -14.09 4.88
C ALA C 58 26.64 -13.09 4.12
N TRP C 59 25.34 -13.15 4.40
CA TRP C 59 24.39 -12.19 3.81
C TRP C 59 24.34 -10.89 4.61
N THR C 60 24.56 -9.79 3.89
CA THR C 60 24.62 -8.46 4.52
C THR C 60 23.38 -7.67 4.11
N LEU C 61 22.95 -6.86 5.07
CA LEU C 61 21.85 -5.91 4.87
C LEU C 61 22.41 -4.64 4.23
N VAL C 62 22.24 -4.54 2.92
CA VAL C 62 22.66 -3.39 2.10
C VAL C 62 21.70 -2.19 2.19
N GLY C 63 20.42 -2.51 2.10
CA GLY C 63 19.41 -1.43 2.04
C GLY C 63 18.03 -1.82 2.55
N ILE C 64 17.25 -0.76 2.77
CA ILE C 64 15.87 -0.87 3.27
C ILE C 64 14.95 -0.34 2.15
N VAL C 65 13.79 -0.98 2.06
CA VAL C 65 12.75 -0.59 1.06
C VAL C 65 12.07 0.69 1.55
N SER C 66 12.26 1.73 0.74
CA SER C 66 11.66 3.05 0.98
C SER C 66 10.38 3.33 0.21
N TRP C 67 10.56 3.63 -1.07
CA TRP C 67 9.52 4.11 -2.01
C TRP C 67 9.85 3.77 -3.48
N GLY C 68 8.92 4.10 -4.39
CA GLY C 68 9.18 3.87 -5.82
C GLY C 68 8.09 4.38 -6.75
N SER C 69 8.14 3.85 -7.98
CA SER C 69 7.19 4.19 -9.04
C SER C 69 5.79 4.15 -8.41
N SER C 70 4.97 5.10 -8.84
CA SER C 70 3.58 5.21 -8.39
C SER C 70 2.87 3.89 -8.66
N THR C 71 3.25 3.29 -9.78
CA THR C 71 2.64 2.05 -10.29
C THR C 71 3.42 0.79 -9.92
N CYS C 72 4.46 0.82 -9.09
CA CYS C 72 5.33 -0.35 -8.84
C CYS C 72 5.77 -0.88 -10.21
N SER C 73 5.81 -0.01 -11.20
CA SER C 73 6.24 -0.39 -12.54
C SER C 73 7.61 -1.07 -12.48
N THR C 74 7.79 -2.03 -13.38
CA THR C 74 9.01 -2.84 -13.51
C THR C 74 10.12 -2.25 -14.39
N SER C 75 9.98 -0.98 -14.80
CA SER C 75 10.91 -0.32 -15.71
C SER C 75 11.57 0.81 -14.91
N THR C 76 10.93 1.04 -13.78
CA THR C 76 11.34 2.12 -12.87
C THR C 76 12.28 1.61 -11.74
N PRO C 77 13.44 2.21 -11.34
CA PRO C 77 14.14 1.74 -10.12
C PRO C 77 13.43 2.04 -8.80
N GLY C 78 13.50 1.05 -7.91
CA GLY C 78 13.03 1.19 -6.53
C GLY C 78 14.10 1.90 -5.70
N VAL C 79 13.61 2.67 -4.74
CA VAL C 79 14.47 3.45 -3.83
C VAL C 79 14.45 2.71 -2.49
N TYR C 80 15.65 2.62 -1.94
CA TYR C 80 15.95 2.01 -0.63
C TYR C 80 16.87 2.94 0.18
N ALA C 81 16.52 3.07 1.46
CA ALA C 81 17.34 3.81 2.43
C ALA C 81 18.67 3.06 2.49
N ARG C 82 19.73 3.85 2.30
CA ARG C 82 21.08 3.30 2.32
C ARG C 82 21.53 3.03 3.78
N VAL C 83 21.72 1.76 4.06
CA VAL C 83 22.25 1.26 5.34
C VAL C 83 23.65 1.84 5.62
N THR C 84 24.54 1.83 4.63
CA THR C 84 25.93 2.35 4.66
C THR C 84 26.01 3.67 5.46
N ALA C 85 25.02 4.48 5.13
CA ALA C 85 24.89 5.85 5.60
C ALA C 85 24.09 5.95 6.90
N LEU C 86 23.76 4.80 7.50
CA LEU C 86 22.91 4.73 8.71
C LEU C 86 23.36 3.90 9.91
N VAL C 87 24.33 3.01 9.67
CA VAL C 87 24.87 2.04 10.64
C VAL C 87 25.49 2.56 11.94
N ASN C 88 26.29 3.62 11.86
CA ASN C 88 27.00 4.16 13.04
C ASN C 88 26.11 4.57 14.20
N TRP C 89 24.91 4.99 13.84
CA TRP C 89 23.80 5.29 14.75
C TRP C 89 23.21 3.96 15.23
N VAL C 90 23.09 2.96 14.37
CA VAL C 90 22.54 1.63 14.72
C VAL C 90 23.46 1.02 15.80
N GLN C 91 24.73 1.07 15.45
CA GLN C 91 25.84 0.62 16.30
C GLN C 91 26.02 1.43 17.58
N GLN C 92 25.66 2.70 17.48
CA GLN C 92 25.69 3.66 18.59
C GLN C 92 24.50 3.50 19.55
N THR C 93 23.41 3.05 18.97
CA THR C 93 22.09 2.80 19.56
C THR C 93 22.22 1.52 20.40
N LEU C 94 22.55 0.44 19.71
CA LEU C 94 22.73 -0.88 20.34
C LEU C 94 23.92 -0.88 21.31
N ALA C 95 24.70 0.21 21.20
CA ALA C 95 25.84 0.45 22.07
C ALA C 95 25.33 0.86 23.46
N ALA C 96 24.08 1.28 23.53
CA ALA C 96 23.53 1.86 24.77
C ALA C 96 22.34 1.18 25.43
N ASN C 97 21.73 0.11 24.88
CA ASN C 97 20.45 -0.37 25.43
C ASN C 97 20.27 -1.84 25.77
N CYS D 1 -31.25 8.64 -4.58
CA CYS D 1 -29.93 8.04 -4.83
C CYS D 1 -28.85 9.05 -4.52
N GLY D 2 -28.10 8.79 -3.45
CA GLY D 2 -27.03 9.70 -3.02
C GLY D 2 -27.57 10.78 -2.10
N VAL D 3 -28.36 10.30 -1.15
CA VAL D 3 -28.96 11.04 -0.02
C VAL D 3 -28.59 10.17 1.23
N PRO D 4 -27.47 10.31 1.98
CA PRO D 4 -27.36 9.61 3.28
C PRO D 4 -28.41 9.97 4.32
N ALA D 5 -28.96 8.98 5.01
CA ALA D 5 -29.90 9.23 6.12
C ALA D 5 -29.10 10.05 7.12
N ILE D 6 -27.91 9.51 7.41
CA ILE D 6 -26.89 10.22 8.19
C ILE D 6 -26.34 11.16 7.13
N GLN D 7 -26.62 12.42 7.41
CA GLN D 7 -26.04 13.50 6.61
C GLN D 7 -24.53 13.66 6.93
N PRO D 8 -23.52 13.74 6.00
CA PRO D 8 -22.12 13.80 6.44
C PRO D 8 -21.78 15.06 7.24
N VAL D 9 -21.65 14.96 8.45
N ILE E 1 -6.11 7.88 3.64
CA ILE E 1 -5.97 9.31 3.28
C ILE E 1 -4.90 9.83 4.24
N VAL E 2 -4.22 10.81 3.68
CA VAL E 2 -3.33 11.67 4.48
C VAL E 2 -4.16 12.96 4.61
N ASN E 3 -4.14 13.52 5.81
CA ASN E 3 -4.77 14.81 6.21
C ASN E 3 -6.30 14.90 6.17
N GLY E 4 -6.95 13.76 6.40
CA GLY E 4 -8.42 13.72 6.46
C GLY E 4 -8.83 13.88 7.92
N GLU E 5 -10.08 13.48 8.13
CA GLU E 5 -10.78 13.57 9.42
C GLU E 5 -11.67 12.32 9.49
N GLU E 6 -12.02 11.93 10.72
CA GLU E 6 -13.09 10.93 10.94
C GLU E 6 -14.40 11.49 10.33
N ALA E 7 -14.81 10.78 9.29
CA ALA E 7 -16.15 11.12 8.79
C ALA E 7 -17.14 10.84 9.92
N VAL E 8 -18.36 11.27 9.66
CA VAL E 8 -19.49 10.88 10.52
C VAL E 8 -19.74 9.35 10.30
N PRO E 9 -19.86 8.42 11.28
CA PRO E 9 -20.08 7.00 10.91
C PRO E 9 -21.36 6.78 10.10
N GLY E 10 -21.24 6.01 9.03
CA GLY E 10 -22.36 5.71 8.12
C GLY E 10 -22.66 7.00 7.36
N SER E 11 -21.78 7.99 7.53
CA SER E 11 -21.93 9.29 6.84
C SER E 11 -21.91 9.09 5.34
N TRP E 12 -21.21 8.03 4.99
CA TRP E 12 -21.05 7.63 3.57
C TRP E 12 -21.84 6.37 3.25
N PRO E 13 -23.16 6.31 2.92
CA PRO E 13 -23.93 5.03 2.89
C PRO E 13 -23.34 3.94 1.98
N TRP E 14 -22.75 4.43 0.90
CA TRP E 14 -22.14 3.67 -0.21
C TRP E 14 -20.78 2.99 -0.02
N GLN E 15 -19.97 3.42 0.94
CA GLN E 15 -18.60 2.90 1.09
C GLN E 15 -18.55 1.45 1.58
N VAL E 16 -17.77 0.75 0.77
CA VAL E 16 -17.41 -0.63 1.07
C VAL E 16 -15.91 -0.69 1.42
N SER E 17 -15.60 -1.83 2.00
CA SER E 17 -14.22 -2.32 2.24
C SER E 17 -14.08 -3.67 1.55
N LEU E 18 -12.87 -3.91 1.02
CA LEU E 18 -12.58 -5.19 0.35
C LEU E 18 -11.51 -5.99 1.07
N GLN E 19 -12.02 -7.08 1.62
CA GLN E 19 -11.14 -8.01 2.32
C GLN E 19 -10.78 -9.17 1.41
N ASP E 20 -9.58 -9.70 1.65
CA ASP E 20 -9.33 -11.03 1.07
C ASP E 20 -9.97 -12.04 2.03
N LYS E 21 -9.33 -13.18 2.25
CA LYS E 21 -9.79 -14.19 3.22
C LYS E 21 -8.82 -14.51 4.34
N THR E 22 -7.70 -13.81 4.30
CA THR E 22 -6.88 -13.65 5.51
C THR E 22 -7.59 -12.62 6.43
N GLY E 23 -8.76 -12.20 5.90
CA GLY E 23 -9.80 -11.32 6.44
C GLY E 23 -9.26 -9.90 6.51
N PHE E 24 -8.57 -9.51 5.44
CA PHE E 24 -7.96 -8.19 5.40
C PHE E 24 -8.34 -7.29 4.24
N HIS E 25 -8.59 -6.03 4.60
CA HIS E 25 -8.90 -4.92 3.71
C HIS E 25 -7.72 -4.55 2.82
N PHE E 26 -7.92 -4.70 1.52
CA PHE E 26 -6.93 -4.40 0.47
C PHE E 26 -7.31 -3.25 -0.48
N CYS E 27 -8.60 -3.06 -0.76
CA CYS E 27 -9.13 -2.00 -1.65
C CYS E 27 -10.51 -1.47 -1.25
N GLY E 28 -10.73 -0.24 -1.72
CA GLY E 28 -12.01 0.50 -1.61
C GLY E 28 -12.96 0.15 -2.77
N GLY E 29 -14.22 0.56 -2.60
CA GLY E 29 -15.30 0.35 -3.59
C GLY E 29 -16.54 1.17 -3.20
N SER E 30 -17.45 1.30 -4.18
CA SER E 30 -18.69 2.09 -4.04
C SER E 30 -19.90 1.30 -4.53
N LEU E 31 -20.94 1.39 -3.71
CA LEU E 31 -22.23 0.76 -3.99
C LEU E 31 -23.10 1.59 -4.93
N ILE E 32 -23.45 0.94 -6.03
CA ILE E 32 -24.30 1.53 -7.09
C ILE E 32 -25.76 1.08 -6.99
N ASN E 33 -25.85 -0.20 -6.64
CA ASN E 33 -27.10 -0.94 -6.48
C ASN E 33 -27.18 -1.72 -5.18
N GLU E 34 -28.35 -2.30 -4.95
CA GLU E 34 -28.58 -3.28 -3.87
C GLU E 34 -27.82 -4.57 -4.24
N ASN E 35 -27.82 -4.85 -5.54
CA ASN E 35 -27.13 -5.97 -6.18
C ASN E 35 -25.65 -5.72 -6.51
N TRP E 36 -25.34 -4.56 -7.09
CA TRP E 36 -24.03 -4.23 -7.70
C TRP E 36 -23.09 -3.30 -6.95
N VAL E 37 -21.82 -3.30 -7.42
CA VAL E 37 -20.67 -2.52 -6.88
C VAL E 37 -19.73 -2.10 -8.04
N VAL E 38 -18.90 -1.11 -7.65
CA VAL E 38 -17.80 -0.52 -8.44
C VAL E 38 -16.57 -0.36 -7.53
N THR E 39 -15.43 -0.68 -8.15
CA THR E 39 -14.05 -0.57 -7.62
C THR E 39 -13.06 -0.27 -8.77
N ALA E 40 -11.77 -0.36 -8.43
CA ALA E 40 -10.66 -0.25 -9.38
C ALA E 40 -10.19 -1.64 -9.78
N ALA E 41 -9.71 -1.69 -11.02
CA ALA E 41 -9.24 -2.90 -11.70
C ALA E 41 -7.84 -3.36 -11.28
N HIS E 42 -6.97 -2.39 -11.00
CA HIS E 42 -5.61 -2.72 -10.54
C HIS E 42 -5.58 -3.40 -9.16
N CYS E 43 -6.77 -3.47 -8.57
CA CYS E 43 -7.05 -4.06 -7.26
C CYS E 43 -6.97 -5.59 -7.25
N GLY E 44 -7.02 -6.21 -8.43
CA GLY E 44 -6.95 -7.67 -8.55
C GLY E 44 -8.00 -8.42 -7.72
N VAL E 45 -9.25 -7.96 -7.79
CA VAL E 45 -10.40 -8.59 -7.12
C VAL E 45 -10.73 -9.89 -7.85
N THR E 46 -11.02 -10.86 -7.00
CA THR E 46 -11.46 -12.21 -7.43
C THR E 46 -12.79 -12.54 -6.73
N THR E 47 -13.41 -13.65 -7.14
CA THR E 47 -14.62 -14.21 -6.51
C THR E 47 -14.39 -14.56 -5.03
N SER E 48 -13.12 -14.66 -4.65
CA SER E 48 -12.71 -15.11 -3.33
C SER E 48 -12.63 -14.01 -2.27
N ASP E 49 -12.59 -12.75 -2.73
CA ASP E 49 -12.57 -11.61 -1.80
C ASP E 49 -13.99 -11.24 -1.32
N VAL E 50 -14.04 -10.43 -0.27
CA VAL E 50 -15.32 -9.98 0.31
C VAL E 50 -15.48 -8.47 0.23
N VAL E 51 -16.76 -8.16 0.18
CA VAL E 51 -17.25 -6.78 0.25
C VAL E 51 -17.87 -6.67 1.65
N VAL E 52 -17.49 -5.60 2.31
CA VAL E 52 -18.02 -5.25 3.64
C VAL E 52 -18.68 -3.88 3.47
N ALA E 53 -19.85 -3.74 4.10
CA ALA E 53 -20.67 -2.51 4.04
C ALA E 53 -21.27 -2.13 5.41
N GLY E 54 -21.56 -0.83 5.56
CA GLY E 54 -22.18 -0.18 6.73
C GLY E 54 -21.31 -0.34 7.95
N GLU E 55 -20.04 -0.58 7.66
CA GLU E 55 -18.98 -0.63 8.68
C GLU E 55 -18.44 0.78 8.92
N PHE E 56 -17.77 0.78 10.07
CA PHE E 56 -16.99 1.93 10.53
C PHE E 56 -15.51 1.63 10.79
N ASP E 57 -15.31 0.91 11.89
CA ASP E 57 -13.96 0.57 12.36
C ASP E 57 -13.65 -0.90 12.06
N GLN E 58 -12.35 -1.13 11.95
CA GLN E 58 -11.79 -2.47 11.66
C GLN E 58 -11.34 -3.21 12.92
N GLY E 59 -11.36 -2.49 14.03
CA GLY E 59 -10.96 -2.97 15.34
C GLY E 59 -12.12 -3.77 15.93
N SER E 60 -13.31 -3.39 15.48
CA SER E 60 -14.60 -3.96 15.93
C SER E 60 -14.36 -5.39 16.40
N SER E 61 -14.90 -5.66 17.57
CA SER E 61 -14.83 -7.02 18.10
C SER E 61 -15.93 -7.66 17.28
N SER E 62 -16.80 -6.76 16.87
CA SER E 62 -18.00 -6.89 16.01
C SER E 62 -18.77 -5.56 16.02
N GLU E 63 -19.01 -5.11 14.81
CA GLU E 63 -19.95 -4.00 14.54
C GLU E 63 -21.18 -4.57 13.83
N LYS E 64 -22.18 -3.73 13.58
CA LYS E 64 -23.37 -4.18 12.83
C LYS E 64 -23.06 -4.04 11.34
N ILE E 65 -22.31 -5.02 10.84
CA ILE E 65 -21.81 -4.97 9.45
C ILE E 65 -22.67 -5.80 8.48
N GLN E 66 -22.12 -5.87 7.27
CA GLN E 66 -22.59 -6.74 6.18
C GLN E 66 -21.39 -7.29 5.43
N LYS E 67 -21.06 -8.52 5.79
CA LYS E 67 -20.01 -9.31 5.12
C LYS E 67 -20.69 -10.01 3.95
N LEU E 68 -20.46 -9.43 2.77
CA LEU E 68 -21.11 -9.85 1.53
C LEU E 68 -20.19 -10.59 0.58
N LYS E 69 -20.63 -11.78 0.16
CA LYS E 69 -19.92 -12.68 -0.77
C LYS E 69 -20.08 -12.26 -2.23
N ILE E 70 -18.97 -12.29 -2.97
CA ILE E 70 -18.91 -11.99 -4.43
C ILE E 70 -19.37 -13.24 -5.19
N ALA E 71 -20.01 -12.83 -6.27
CA ALA E 71 -20.51 -13.69 -7.35
C ALA E 71 -19.56 -13.69 -8.54
N LYS E 72 -19.63 -12.61 -9.34
CA LYS E 72 -18.85 -12.48 -10.58
C LYS E 72 -18.16 -11.11 -10.59
N VAL E 73 -16.86 -11.25 -10.83
CA VAL E 73 -15.97 -10.14 -11.17
C VAL E 73 -16.28 -9.78 -12.63
N PHE E 74 -16.58 -8.50 -12.76
CA PHE E 74 -16.76 -7.92 -14.09
C PHE E 74 -15.62 -6.93 -14.30
N LYS E 75 -14.47 -7.49 -14.64
CA LYS E 75 -13.27 -6.67 -14.95
C LYS E 75 -13.49 -5.85 -16.22
N ASN E 76 -12.66 -4.82 -16.40
CA ASN E 76 -12.75 -3.98 -17.59
C ASN E 76 -11.88 -4.54 -18.72
N SER E 77 -12.42 -4.44 -19.93
CA SER E 77 -11.80 -4.96 -21.15
C SER E 77 -10.50 -4.22 -21.43
N LYS E 78 -10.48 -2.96 -21.05
CA LYS E 78 -9.40 -2.01 -21.38
C LYS E 78 -8.37 -1.65 -20.32
N TYR E 79 -8.37 -2.36 -19.20
CA TYR E 79 -7.37 -2.09 -18.15
C TYR E 79 -5.92 -2.30 -18.66
N ASN E 80 -5.17 -1.21 -18.69
CA ASN E 80 -3.76 -1.27 -19.16
C ASN E 80 -2.76 -1.26 -18.00
N SER E 81 -2.13 -2.39 -17.72
CA SER E 81 -1.21 -2.65 -16.60
C SER E 81 0.11 -1.85 -16.49
N LEU E 82 0.40 -1.09 -17.52
CA LEU E 82 1.58 -0.19 -17.52
C LEU E 82 1.15 1.27 -17.56
N THR E 83 0.04 1.48 -18.25
CA THR E 83 -0.65 2.76 -18.39
C THR E 83 -1.44 3.10 -17.13
N ILE E 84 -2.26 2.14 -16.69
CA ILE E 84 -3.27 2.17 -15.61
C ILE E 84 -4.52 2.91 -16.11
N ASN E 85 -4.57 3.21 -17.40
CA ASN E 85 -5.78 3.78 -18.04
C ASN E 85 -6.89 2.74 -17.97
N ASN E 86 -8.14 3.22 -17.90
CA ASN E 86 -9.35 2.38 -17.72
C ASN E 86 -9.28 1.52 -16.46
N ASP E 87 -8.89 2.15 -15.36
CA ASP E 87 -8.77 1.48 -14.06
C ASP E 87 -10.13 1.29 -13.37
N ILE E 88 -10.93 0.34 -13.85
CA ILE E 88 -12.30 0.11 -13.34
C ILE E 88 -12.64 -1.38 -13.23
N THR E 89 -13.60 -1.68 -12.35
CA THR E 89 -14.18 -3.02 -12.12
C THR E 89 -15.58 -2.95 -11.49
N LEU E 90 -16.28 -4.04 -11.78
CA LEU E 90 -17.64 -4.36 -11.31
C LEU E 90 -17.81 -5.71 -10.66
N LEU E 91 -18.72 -5.63 -9.70
CA LEU E 91 -19.06 -6.74 -8.81
C LEU E 91 -20.56 -6.94 -8.66
N LYS E 92 -20.92 -8.15 -9.10
CA LYS E 92 -22.26 -8.72 -8.88
C LYS E 92 -22.15 -9.56 -7.59
N LEU E 93 -23.15 -9.40 -6.74
CA LEU E 93 -23.10 -10.06 -5.43
C LEU E 93 -24.05 -11.23 -5.36
N SER E 94 -23.55 -12.28 -4.69
CA SER E 94 -24.29 -13.53 -4.44
C SER E 94 -25.64 -13.07 -3.91
N THR E 95 -25.52 -12.20 -2.92
CA THR E 95 -26.67 -11.55 -2.27
C THR E 95 -26.46 -10.05 -2.45
N ALA E 96 -27.64 -9.43 -2.46
CA ALA E 96 -27.75 -7.98 -2.36
C ALA E 96 -27.38 -7.53 -0.94
N ALA E 97 -27.05 -6.26 -0.88
CA ALA E 97 -26.96 -5.57 0.43
C ALA E 97 -28.34 -5.01 0.73
N SER E 98 -28.70 -5.01 1.99
CA SER E 98 -29.98 -4.38 2.37
C SER E 98 -29.71 -2.93 2.77
N PHE E 99 -30.45 -2.03 2.13
CA PHE E 99 -30.34 -0.59 2.42
C PHE E 99 -30.98 -0.15 3.73
N SER E 100 -30.09 0.39 4.55
CA SER E 100 -30.46 0.91 5.87
C SER E 100 -30.25 2.42 5.95
N GLN E 101 -30.26 2.91 7.19
CA GLN E 101 -29.83 4.27 7.52
C GLN E 101 -28.34 4.45 7.14
N THR E 102 -27.58 3.36 7.25
CA THR E 102 -26.12 3.37 7.01
C THR E 102 -25.58 2.92 5.65
N VAL E 103 -26.11 1.82 5.13
CA VAL E 103 -25.75 1.24 3.81
C VAL E 103 -26.73 1.86 2.82
N SER E 104 -26.19 2.27 1.66
CA SER E 104 -26.94 2.75 0.47
C SER E 104 -26.03 3.07 -0.72
N ALA E 105 -26.59 3.57 -1.82
CA ALA E 105 -25.85 3.75 -3.08
C ALA E 105 -25.53 5.20 -3.49
N VAL E 106 -24.38 5.26 -4.17
CA VAL E 106 -23.85 6.46 -4.84
C VAL E 106 -24.58 6.63 -6.18
N CYS E 107 -24.87 7.87 -6.52
CA CYS E 107 -25.42 8.20 -7.83
C CYS E 107 -24.33 8.21 -8.91
N LEU E 108 -24.81 8.03 -10.14
CA LEU E 108 -23.94 7.98 -11.31
C LEU E 108 -23.81 9.22 -12.21
N PRO E 109 -22.66 9.68 -12.75
CA PRO E 109 -22.73 10.68 -13.83
C PRO E 109 -23.22 10.11 -15.17
N SER E 110 -22.95 10.92 -16.17
CA SER E 110 -23.09 10.48 -17.57
C SER E 110 -21.83 10.93 -18.34
N ALA E 111 -21.47 10.30 -19.44
CA ALA E 111 -20.27 10.77 -20.16
C ALA E 111 -20.49 12.20 -20.68
N SER E 112 -21.75 12.64 -20.66
CA SER E 112 -22.15 13.92 -21.27
C SER E 112 -21.72 15.17 -20.49
N ASP E 113 -21.81 15.04 -19.17
CA ASP E 113 -21.66 16.09 -18.16
C ASP E 113 -20.24 16.44 -17.73
N ASP E 114 -20.14 17.70 -17.33
CA ASP E 114 -18.87 18.29 -16.87
C ASP E 114 -18.90 18.56 -15.37
N PHE E 115 -17.81 18.09 -14.79
CA PHE E 115 -17.42 18.34 -13.39
C PHE E 115 -16.09 19.10 -13.55
N ALA E 116 -16.28 20.41 -13.62
CA ALA E 116 -15.21 21.40 -13.91
C ALA E 116 -14.12 21.51 -12.85
N ALA E 117 -12.96 21.95 -13.30
CA ALA E 117 -11.79 22.17 -12.43
C ALA E 117 -12.14 23.23 -11.38
N GLY E 118 -11.47 23.11 -10.24
CA GLY E 118 -11.61 24.02 -9.10
C GLY E 118 -12.76 23.58 -8.22
N THR E 119 -13.58 22.66 -8.73
CA THR E 119 -14.71 22.08 -7.96
C THR E 119 -14.20 21.33 -6.72
N THR E 120 -14.96 21.51 -5.65
CA THR E 120 -14.71 20.84 -4.38
C THR E 120 -15.47 19.51 -4.40
N CYS E 121 -14.66 18.47 -4.35
CA CYS E 121 -15.17 17.10 -4.19
C CYS E 121 -14.52 16.46 -2.95
N VAL E 122 -14.98 15.24 -2.69
CA VAL E 122 -14.52 14.47 -1.52
C VAL E 122 -14.01 13.11 -2.02
N THR E 123 -13.25 12.55 -1.09
CA THR E 123 -12.67 11.20 -1.18
C THR E 123 -12.67 10.63 0.25
N THR E 124 -13.01 9.36 0.34
CA THR E 124 -13.06 8.58 1.60
C THR E 124 -12.23 7.30 1.52
N GLY E 125 -12.06 6.69 2.70
CA GLY E 125 -11.31 5.42 2.81
C GLY E 125 -10.48 5.29 4.09
N TRP E 126 -9.96 4.08 4.24
CA TRP E 126 -9.18 3.54 5.35
C TRP E 126 -7.68 3.43 5.03
N GLY E 127 -7.26 4.20 4.03
CA GLY E 127 -5.87 4.31 3.59
C GLY E 127 -5.03 4.97 4.66
N LEU E 128 -3.74 5.01 4.37
CA LEU E 128 -2.77 5.59 5.31
C LEU E 128 -2.83 7.11 5.41
N THR E 129 -2.98 7.50 6.66
CA THR E 129 -2.96 8.91 7.09
C THR E 129 -1.57 9.53 6.98
N ARG E 130 -0.60 8.64 7.06
CA ARG E 130 0.83 8.92 6.88
C ARG E 130 1.34 7.83 5.94
N TYR E 131 2.28 8.24 5.09
CA TYR E 131 2.99 7.32 4.17
C TYR E 131 3.73 6.23 4.96
N ALA F 1 1.45 2.23 13.99
CA ALA F 1 1.15 2.11 12.55
C ALA F 1 0.41 3.34 12.00
N ASN F 2 0.55 3.54 10.69
CA ASN F 2 -0.19 4.58 9.95
C ASN F 2 -1.54 4.13 9.39
N THR F 3 -2.06 3.10 10.05
CA THR F 3 -3.32 2.47 9.63
C THR F 3 -4.56 3.04 10.34
N PRO F 4 -5.51 3.80 9.74
CA PRO F 4 -6.77 4.05 10.47
C PRO F 4 -7.76 2.88 10.52
N ASP F 5 -8.16 2.49 11.72
CA ASP F 5 -9.21 1.48 11.94
C ASP F 5 -10.58 2.06 11.57
N ARG F 6 -10.72 3.34 11.92
CA ARG F 6 -11.90 4.17 11.60
C ARG F 6 -11.69 4.81 10.22
N LEU F 7 -12.85 4.99 9.58
CA LEU F 7 -12.95 5.59 8.24
C LEU F 7 -12.52 7.07 8.22
N GLN F 8 -11.62 7.30 7.28
CA GLN F 8 -11.16 8.66 7.00
C GLN F 8 -11.88 9.29 5.81
N GLN F 9 -12.19 10.56 6.04
CA GLN F 9 -12.77 11.49 5.05
C GLN F 9 -11.65 12.45 4.63
N ALA F 10 -11.91 13.07 3.49
CA ALA F 10 -11.09 14.16 2.90
C ALA F 10 -11.91 14.98 1.90
N SER F 11 -11.48 16.22 1.71
CA SER F 11 -12.13 17.13 0.75
C SER F 11 -11.07 17.80 -0.11
N LEU F 12 -11.34 17.97 -1.42
CA LEU F 12 -10.31 18.45 -2.36
C LEU F 12 -10.68 19.19 -3.68
N PRO F 13 -9.82 20.05 -4.33
CA PRO F 13 -10.02 20.51 -5.72
C PRO F 13 -9.92 19.48 -6.86
N LEU F 14 -10.64 19.88 -7.90
CA LEU F 14 -10.52 19.23 -9.21
C LEU F 14 -9.57 19.98 -10.13
N LEU F 15 -8.73 19.20 -10.81
CA LEU F 15 -7.76 19.80 -11.75
C LEU F 15 -8.07 19.53 -13.21
N SER F 16 -7.67 20.52 -14.01
CA SER F 16 -7.66 20.30 -15.47
C SER F 16 -6.46 19.40 -15.78
N ASN F 17 -6.66 18.53 -16.77
CA ASN F 17 -5.62 17.61 -17.30
C ASN F 17 -4.38 18.31 -17.80
N THR F 18 -4.63 19.54 -18.25
CA THR F 18 -3.64 20.56 -18.62
C THR F 18 -2.87 20.89 -17.34
N ASN F 19 -3.61 21.17 -16.26
CA ASN F 19 -2.93 21.51 -15.00
C ASN F 19 -2.18 20.34 -14.37
N CYS F 20 -2.62 19.15 -14.74
CA CYS F 20 -2.11 17.94 -14.11
C CYS F 20 -0.87 17.37 -14.77
N LYS F 21 -0.69 17.78 -16.01
CA LYS F 21 0.50 17.35 -16.77
C LYS F 21 1.76 18.10 -16.31
N LYS F 22 1.52 19.23 -15.65
CA LYS F 22 2.56 20.07 -15.02
C LYS F 22 3.44 19.26 -14.06
N TYR F 23 2.79 18.23 -13.53
CA TYR F 23 3.37 17.24 -12.62
C TYR F 23 3.63 15.94 -13.39
N TRP F 24 2.59 15.42 -14.05
CA TRP F 24 2.61 14.08 -14.67
C TRP F 24 2.98 13.91 -16.15
N GLY F 25 2.62 14.91 -16.93
CA GLY F 25 2.91 14.99 -18.38
C GLY F 25 2.24 13.83 -19.11
N THR F 26 3.09 13.24 -19.94
CA THR F 26 2.92 12.08 -20.85
C THR F 26 2.06 10.95 -20.26
N LYS F 27 2.12 10.80 -18.94
CA LYS F 27 1.32 9.85 -18.14
C LYS F 27 -0.19 10.05 -18.08
N ILE F 28 -0.71 11.26 -18.25
CA ILE F 28 -2.18 11.46 -18.14
C ILE F 28 -2.82 11.03 -19.47
N LYS F 29 -3.85 10.24 -19.24
CA LYS F 29 -4.71 9.81 -20.34
C LYS F 29 -6.05 10.51 -20.37
N ASP F 30 -6.64 10.51 -21.57
CA ASP F 30 -8.02 10.95 -21.86
C ASP F 30 -9.03 10.35 -20.86
N ALA F 31 -8.60 9.22 -20.29
CA ALA F 31 -9.29 8.41 -19.29
C ALA F 31 -9.05 8.62 -17.78
N MET F 32 -8.16 9.50 -17.36
CA MET F 32 -7.92 9.75 -15.92
C MET F 32 -8.49 11.11 -15.51
N ILE F 33 -8.28 11.53 -14.27
CA ILE F 33 -8.75 12.79 -13.67
C ILE F 33 -7.78 13.05 -12.51
N CYS F 34 -7.38 14.30 -12.34
CA CYS F 34 -6.52 14.66 -11.22
C CYS F 34 -7.28 15.48 -10.19
N ALA F 35 -6.86 15.33 -8.93
CA ALA F 35 -7.44 16.05 -7.79
C ALA F 35 -6.44 16.12 -6.63
N GLY F 36 -6.62 17.18 -5.84
CA GLY F 36 -5.85 17.41 -4.62
C GLY F 36 -4.68 18.38 -4.83
N ALA F 37 -3.48 18.01 -4.40
CA ALA F 37 -2.26 18.86 -4.43
C ALA F 37 -2.57 20.13 -3.64
N SER F 38 -3.53 20.01 -2.74
CA SER F 38 -4.01 21.12 -1.89
C SER F 38 -3.72 20.89 -0.41
N GLY F 39 -2.92 19.85 -0.14
CA GLY F 39 -2.47 19.54 1.22
C GLY F 39 -3.08 18.26 1.76
N VAL F 40 -3.40 17.39 0.81
CA VAL F 40 -3.99 16.05 1.03
C VAL F 40 -3.55 15.18 -0.17
N SER F 41 -3.82 13.90 0.01
CA SER F 41 -3.63 12.83 -1.00
C SER F 41 -4.20 11.54 -0.46
N SER F 42 -4.83 10.84 -1.38
CA SER F 42 -5.05 9.42 -1.06
C SER F 42 -3.64 8.83 -0.88
N CYS F 43 -3.66 7.74 -0.16
CA CYS F 43 -2.45 6.93 0.08
C CYS F 43 -2.82 5.47 -0.23
N MET F 44 -1.94 4.59 0.23
CA MET F 44 -2.20 3.14 0.15
C MET F 44 -3.32 2.73 1.08
N GLY F 45 -4.21 1.95 0.51
CA GLY F 45 -5.37 1.44 1.25
C GLY F 45 -6.60 2.15 0.69
N ASP F 46 -6.35 3.35 0.17
CA ASP F 46 -7.40 4.16 -0.47
C ASP F 46 -7.85 3.78 -1.88
N SER F 47 -6.96 3.20 -2.68
CA SER F 47 -7.28 2.84 -4.08
C SER F 47 -8.54 1.98 -4.23
N GLY F 48 -9.26 2.25 -5.30
CA GLY F 48 -10.53 1.59 -5.59
C GLY F 48 -11.59 2.45 -4.92
N GLY F 49 -11.06 3.36 -4.12
CA GLY F 49 -11.85 4.31 -3.32
C GLY F 49 -12.76 5.29 -4.12
N PRO F 50 -13.86 5.93 -3.60
CA PRO F 50 -14.63 6.91 -4.40
C PRO F 50 -13.95 8.28 -4.51
N LEU F 51 -14.57 9.04 -5.41
CA LEU F 51 -14.36 10.49 -5.59
C LEU F 51 -15.74 11.00 -6.03
N VAL F 52 -16.29 11.86 -5.19
CA VAL F 52 -17.66 12.34 -5.38
C VAL F 52 -17.73 13.86 -5.51
N CYS F 53 -18.81 14.29 -6.15
CA CYS F 53 -19.17 15.71 -6.28
C CYS F 53 -20.70 15.80 -6.26
N LYS F 54 -21.18 16.80 -5.53
CA LYS F 54 -22.62 17.04 -5.34
C LYS F 54 -23.22 17.72 -6.58
N LYS F 55 -24.38 17.22 -6.98
CA LYS F 55 -25.09 17.71 -8.18
C LYS F 55 -26.58 17.59 -7.92
N ASN F 56 -27.31 18.70 -8.09
CA ASN F 56 -28.74 18.84 -7.73
C ASN F 56 -29.03 18.25 -6.33
N GLY F 57 -27.96 18.36 -5.53
CA GLY F 57 -27.82 17.87 -4.16
C GLY F 57 -27.37 16.42 -4.09
N ALA F 58 -27.90 15.55 -4.95
CA ALA F 58 -27.47 14.14 -4.91
C ALA F 58 -25.96 14.06 -5.11
N TRP F 59 -25.35 13.13 -4.38
CA TRP F 59 -23.91 12.89 -4.51
C TRP F 59 -23.60 11.95 -5.69
N THR F 60 -22.73 12.43 -6.56
CA THR F 60 -22.37 11.70 -7.79
C THR F 60 -20.93 11.18 -7.66
N LEU F 61 -20.77 10.01 -8.26
CA LEU F 61 -19.46 9.36 -8.37
C LEU F 61 -18.73 9.95 -9.59
N VAL F 62 -17.84 10.88 -9.32
CA VAL F 62 -17.00 11.55 -10.34
C VAL F 62 -15.80 10.71 -10.79
N GLY F 63 -15.13 10.13 -9.80
CA GLY F 63 -13.87 9.40 -10.09
C GLY F 63 -13.53 8.30 -9.09
N ILE F 64 -12.59 7.48 -9.57
CA ILE F 64 -12.07 6.34 -8.79
C ILE F 64 -10.59 6.62 -8.50
N VAL F 65 -10.18 6.18 -7.31
CA VAL F 65 -8.78 6.33 -6.86
C VAL F 65 -7.91 5.31 -7.61
N SER F 66 -7.00 5.86 -8.40
CA SER F 66 -6.04 5.07 -9.18
C SER F 66 -4.66 4.92 -8.53
N TRP F 67 -3.88 6.00 -8.64
CA TRP F 67 -2.44 6.08 -8.27
C TRP F 67 -2.01 7.52 -7.91
N GLY F 68 -0.76 7.68 -7.49
CA GLY F 68 -0.25 9.02 -7.19
C GLY F 68 1.24 9.07 -6.82
N SER F 69 1.59 10.19 -6.20
CA SER F 69 2.96 10.45 -5.73
C SER F 69 3.46 9.18 -5.04
N SER F 70 4.73 8.88 -5.27
CA SER F 70 5.39 7.73 -4.66
C SER F 70 5.24 7.81 -3.15
N THR F 71 5.31 9.05 -2.67
CA THR F 71 5.27 9.36 -1.23
C THR F 71 3.90 9.75 -0.72
N CYS F 72 2.81 9.65 -1.49
CA CYS F 72 1.48 10.17 -1.07
C CYS F 72 1.67 11.62 -0.63
N SER F 73 2.70 12.26 -1.17
CA SER F 73 2.97 13.68 -0.86
C SER F 73 1.71 14.51 -1.09
N THR F 74 1.57 15.54 -0.26
CA THR F 74 0.44 16.49 -0.25
C THR F 74 0.58 17.69 -1.20
N SER F 75 1.60 17.69 -2.05
CA SER F 75 1.91 18.81 -2.95
C SER F 75 1.68 18.31 -4.37
N THR F 76 1.58 16.99 -4.42
CA THR F 76 1.40 16.26 -5.68
C THR F 76 -0.09 15.97 -6.01
N PRO F 77 -0.69 16.17 -7.21
CA PRO F 77 -2.06 15.67 -7.45
C PRO F 77 -2.20 14.15 -7.54
N GLY F 78 -3.29 13.67 -6.95
CA GLY F 78 -3.70 12.26 -7.05
C GLY F 78 -4.43 12.04 -8.37
N VAL F 79 -4.23 10.84 -8.91
CA VAL F 79 -4.85 10.43 -10.18
C VAL F 79 -6.00 9.48 -9.82
N TYR F 80 -7.09 9.73 -10.53
CA TYR F 80 -8.34 8.95 -10.45
C TYR F 80 -8.85 8.62 -11.85
N ALA F 81 -9.28 7.38 -12.00
CA ALA F 81 -9.92 6.89 -13.23
C ALA F 81 -11.18 7.74 -13.39
N ARG F 82 -11.29 8.32 -14.58
CA ARG F 82 -12.45 9.16 -14.90
C ARG F 82 -13.68 8.28 -15.21
N VAL F 83 -14.66 8.42 -14.32
CA VAL F 83 -15.98 7.77 -14.46
C VAL F 83 -16.69 8.21 -15.77
N THR F 84 -16.67 9.51 -16.07
CA THR F 84 -17.26 10.14 -17.28
C THR F 84 -17.03 9.29 -18.54
N ALA F 85 -15.78 8.85 -18.59
CA ALA F 85 -15.19 8.11 -19.70
C ALA F 85 -15.38 6.60 -19.57
N LEU F 86 -16.16 6.16 -18.57
CA LEU F 86 -16.35 4.73 -18.26
C LEU F 86 -17.76 4.18 -18.06
N VAL F 87 -18.71 5.08 -17.84
CA VAL F 87 -20.14 4.80 -17.54
C VAL F 87 -20.95 3.98 -18.54
N ASN F 88 -20.80 4.28 -19.83
CA ASN F 88 -21.60 3.61 -20.88
C ASN F 88 -21.48 2.10 -20.94
N TRP F 89 -20.30 1.65 -20.54
CA TRP F 89 -19.98 0.23 -20.32
C TRP F 89 -20.61 -0.22 -19.02
N VAL F 90 -20.61 0.61 -17.97
CA VAL F 90 -21.21 0.29 -16.66
C VAL F 90 -22.72 0.04 -16.87
N GLN F 91 -23.28 1.02 -17.58
CA GLN F 91 -24.68 1.05 -17.98
C GLN F 91 -25.06 -0.05 -18.97
N GLN F 92 -24.08 -0.41 -19.78
CA GLN F 92 -24.20 -1.49 -20.78
C GLN F 92 -24.08 -2.89 -20.16
N THR F 93 -23.34 -2.95 -19.07
CA THR F 93 -23.00 -4.10 -18.24
C THR F 93 -24.25 -4.45 -17.44
N LEU F 94 -24.67 -3.50 -16.63
CA LEU F 94 -25.86 -3.64 -15.78
C LEU F 94 -27.13 -3.76 -16.62
N ALA F 95 -26.95 -3.47 -17.92
CA ALA F 95 -28.01 -3.58 -18.91
C ALA F 95 -28.25 -5.06 -19.21
N ALA F 96 -27.28 -5.90 -18.87
CA ALA F 96 -27.32 -7.32 -19.26
C ALA F 96 -27.33 -8.38 -18.16
N ASN F 97 -27.25 -8.06 -16.86
CA ASN F 97 -27.03 -9.12 -15.85
C ASN F 97 -27.93 -9.20 -14.63
#